data_4RO3
#
_entry.id   4RO3
#
_cell.length_a   95.065
_cell.length_b   48.576
_cell.length_c   49.399
_cell.angle_alpha   90.00
_cell.angle_beta   96.72
_cell.angle_gamma   90.00
#
_symmetry.space_group_name_H-M   'C 1 2 1'
#
loop_
_entity.id
_entity.type
_entity.pdbx_description
1 polymer 'Hypothetical Protein'
2 non-polymer 'SULFATE ION'
3 water water
#
_entity_poly.entity_id   1
_entity_poly.type   'polypeptide(L)'
_entity_poly.pdbx_seq_one_letter_code
;SNA(MSE)SKFYQINTTLLESNEAVNKQTGEVVPLSPETKLVYAY(MSE)LNQYR(MSE)YRKYGNRRYTESWDKIFTVC
CDVAAQKQKRLAKELTTLGLIEVIGNKNAYKVVHSVESIIETWEFTNSKLNT
;
_entity_poly.pdbx_strand_id   A,B
#
# COMPACT_ATOMS: atom_id res chain seq x y z
N SER A 5 -6.82 13.04 11.12
CA SER A 5 -6.26 13.03 9.72
C SER A 5 -6.98 11.99 8.86
N LYS A 6 -7.19 12.33 7.59
CA LYS A 6 -7.88 11.44 6.64
C LYS A 6 -6.98 10.67 5.65
N PHE A 7 -5.68 10.55 5.98
N PHE A 7 -5.68 10.52 5.96
CA PHE A 7 -4.71 9.84 5.12
CA PHE A 7 -4.79 9.74 5.12
C PHE A 7 -3.56 9.13 5.87
C PHE A 7 -3.58 9.13 5.86
N TYR A 8 -3.18 7.95 5.40
CA TYR A 8 -2.01 7.24 5.93
C TYR A 8 -0.92 7.60 4.96
N GLN A 9 0.33 7.51 5.40
CA GLN A 9 1.49 7.82 4.57
C GLN A 9 2.17 6.51 4.21
N ILE A 10 2.44 6.31 2.92
CA ILE A 10 3.15 5.13 2.41
C ILE A 10 4.56 5.60 2.04
N ASN A 11 5.56 5.02 2.68
CA ASN A 11 6.94 5.39 2.46
C ASN A 11 7.33 5.24 0.96
N THR A 12 8.00 6.25 0.44
CA THR A 12 8.37 6.28 -0.98
C THR A 12 9.18 5.08 -1.39
N THR A 13 10.22 4.79 -0.62
CA THR A 13 11.11 3.68 -0.93
C THR A 13 10.37 2.36 -0.92
N LEU A 14 9.53 2.14 0.08
CA LEU A 14 8.79 0.90 0.15
C LEU A 14 7.84 0.75 -1.00
N LEU A 15 7.08 1.82 -1.32
CA LEU A 15 6.13 1.69 -2.40
C LEU A 15 6.81 1.31 -3.69
N GLU A 16 7.96 1.93 -3.97
CA GLU A 16 8.67 1.75 -5.24
C GLU A 16 9.57 0.52 -5.35
N SER A 17 9.64 -0.26 -4.28
CA SER A 17 10.54 -1.43 -4.26
C SER A 17 9.78 -2.75 -4.19
N ASN A 18 10.38 -3.80 -4.76
CA ASN A 18 9.75 -5.12 -4.64
C ASN A 18 10.56 -6.10 -3.79
N GLU A 19 11.74 -5.68 -3.36
N GLU A 19 11.77 -5.72 -3.39
CA GLU A 19 12.59 -6.52 -2.49
CA GLU A 19 12.60 -6.57 -2.51
C GLU A 19 13.60 -5.66 -1.73
C GLU A 19 13.69 -5.75 -1.83
N ALA A 20 14.22 -6.28 -0.73
CA ALA A 20 15.30 -5.65 0.02
C ALA A 20 16.42 -6.69 -0.01
N VAL A 21 17.65 -6.22 -0.14
CA VAL A 21 18.84 -7.11 -0.18
C VAL A 21 19.73 -6.75 1.01
N ASN A 22 20.10 -7.74 1.81
CA ASN A 22 20.94 -7.48 2.96
C ASN A 22 22.34 -7.09 2.49
N LYS A 23 22.81 -5.94 2.97
CA LYS A 23 24.10 -5.41 2.55
C LYS A 23 25.29 -6.18 3.12
N GLN A 24 25.08 -6.93 4.19
CA GLN A 24 26.17 -7.72 4.79
C GLN A 24 26.16 -9.19 4.36
N THR A 25 24.98 -9.77 4.15
CA THR A 25 24.84 -11.18 3.79
C THR A 25 24.35 -11.49 2.38
N GLY A 26 23.69 -10.56 1.72
CA GLY A 26 23.14 -10.81 0.38
C GLY A 26 21.77 -11.45 0.39
N GLU A 27 21.23 -11.74 1.58
CA GLU A 27 19.89 -12.35 1.69
C GLU A 27 18.88 -11.45 1.01
N VAL A 28 17.94 -12.07 0.27
CA VAL A 28 16.89 -11.36 -0.42
C VAL A 28 15.55 -11.61 0.26
N VAL A 29 14.89 -10.52 0.62
CA VAL A 29 13.57 -10.53 1.23
C VAL A 29 12.58 -9.86 0.28
N PRO A 30 11.64 -10.63 -0.28
CA PRO A 30 10.63 -10.05 -1.15
C PRO A 30 9.72 -9.16 -0.33
N LEU A 31 9.31 -8.04 -0.91
N LEU A 31 9.30 -8.04 -0.89
CA LEU A 31 8.40 -7.14 -0.26
CA LEU A 31 8.43 -7.09 -0.19
C LEU A 31 7.07 -7.36 -0.89
C LEU A 31 7.04 -7.15 -0.80
N SER A 32 6.11 -7.82 -0.11
CA SER A 32 4.76 -8.02 -0.62
C SER A 32 3.93 -6.74 -0.54
N PRO A 33 2.95 -6.59 -1.43
CA PRO A 33 2.10 -5.39 -1.38
C PRO A 33 1.37 -5.21 -0.05
N GLU A 34 0.80 -6.28 0.49
CA GLU A 34 0.11 -6.15 1.78
C GLU A 34 1.03 -5.57 2.86
N THR A 35 2.31 -5.99 2.84
CA THR A 35 3.28 -5.53 3.81
C THR A 35 3.43 -4.03 3.84
N LYS A 36 3.33 -3.42 2.66
CA LYS A 36 3.46 -1.99 2.54
C LYS A 36 2.29 -1.24 3.18
N LEU A 37 1.07 -1.77 3.03
CA LEU A 37 -0.11 -1.16 3.59
C LEU A 37 -0.11 -1.38 5.08
N VAL A 38 0.31 -2.57 5.50
CA VAL A 38 0.36 -2.93 6.92
C VAL A 38 1.35 -2.01 7.64
N TYR A 39 2.49 -1.73 7.03
CA TYR A 39 3.48 -0.86 7.61
C TYR A 39 2.92 0.55 7.75
N ALA A 40 2.22 1.03 6.73
CA ALA A 40 1.63 2.35 6.80
C ALA A 40 0.65 2.46 7.96
N TYR A 41 -0.22 1.46 8.10
CA TYR A 41 -1.19 1.42 9.17
C TYR A 41 -0.51 1.39 10.54
N LEU A 43 2.49 2.28 11.39
CA LEU A 43 3.22 3.53 11.68
C LEU A 43 2.26 4.59 12.25
N ASN A 44 1.09 4.71 11.63
CA ASN A 44 0.07 5.63 12.10
C ASN A 44 -0.40 5.26 13.50
N GLN A 45 -0.68 3.97 13.71
CA GLN A 45 -1.14 3.50 15.01
C GLN A 45 -0.10 3.71 16.10
N TYR A 46 1.15 3.40 15.81
CA TYR A 46 2.24 3.61 16.74
C TYR A 46 2.26 5.11 17.18
N ARG A 47 2.14 6.01 16.21
CA ARG A 47 2.10 7.44 16.48
C ARG A 47 0.85 7.82 17.28
N TYR A 49 -0.86 5.81 19.43
CA TYR A 49 -0.65 5.29 20.80
C TYR A 49 0.29 6.24 21.57
N ARG A 50 1.28 6.78 20.88
N ARG A 50 1.29 6.78 20.89
CA ARG A 50 2.23 7.71 21.50
CA ARG A 50 2.21 7.70 21.53
C ARG A 50 1.56 9.03 21.88
C ARG A 50 1.54 9.03 21.89
N LYS A 51 0.71 9.54 20.98
CA LYS A 51 0.02 10.80 21.19
C LYS A 51 -1.02 10.71 22.29
N TYR A 52 -1.80 9.65 22.25
CA TYR A 52 -2.89 9.45 23.17
C TYR A 52 -2.47 8.66 24.40
N GLY A 53 -1.75 9.33 25.29
CA GLY A 53 -1.34 8.78 26.61
C GLY A 53 0.05 8.18 26.67
N ASN A 54 0.77 8.25 25.54
CA ASN A 54 2.13 7.74 25.43
C ASN A 54 2.19 6.27 25.84
N ARG A 55 1.40 5.45 25.13
N ARG A 55 1.39 5.45 25.15
CA ARG A 55 1.35 4.03 25.38
CA ARG A 55 1.32 4.02 25.43
C ARG A 55 2.24 3.30 24.40
C ARG A 55 2.13 3.25 24.40
N ARG A 56 2.80 2.16 24.81
CA ARG A 56 3.58 1.37 23.86
C ARG A 56 2.56 0.69 22.96
N TYR A 57 3.00 0.38 21.75
CA TYR A 57 2.12 -0.17 20.72
C TYR A 57 1.95 -1.67 20.88
N THR A 58 0.77 -2.06 21.32
CA THR A 58 0.49 -3.45 21.63
C THR A 58 -0.65 -4.04 20.82
N GLU A 59 -1.11 -3.35 19.78
CA GLU A 59 -2.20 -3.89 18.94
C GLU A 59 -1.76 -5.27 18.43
N SER A 60 -2.66 -6.25 18.48
CA SER A 60 -2.31 -7.61 18.05
C SER A 60 -2.16 -7.69 16.53
N TRP A 61 -1.32 -8.60 16.08
CA TRP A 61 -1.16 -8.82 14.65
C TRP A 61 -2.52 -9.17 14.04
N ASP A 62 -3.30 -10.01 14.74
CA ASP A 62 -4.63 -10.36 14.26
C ASP A 62 -5.51 -9.16 14.00
N LYS A 63 -5.54 -8.19 14.91
CA LYS A 63 -6.36 -6.99 14.71
C LYS A 63 -5.83 -6.16 13.57
N ILE A 64 -4.52 -6.00 13.54
CA ILE A 64 -3.85 -5.24 12.45
C ILE A 64 -4.21 -5.79 11.06
N PHE A 65 -4.09 -7.09 10.90
CA PHE A 65 -4.40 -7.72 9.60
C PHE A 65 -5.88 -7.66 9.27
N THR A 66 -6.73 -7.64 10.28
CA THR A 66 -8.16 -7.53 10.01
C THR A 66 -8.52 -6.17 9.40
N VAL A 67 -7.87 -5.11 9.88
CA VAL A 67 -8.10 -3.76 9.32
C VAL A 67 -7.56 -3.60 7.88
N CYS A 68 -6.32 -4.05 7.67
CA CYS A 68 -5.59 -3.85 6.39
C CYS A 68 -5.68 -4.86 5.27
N CYS A 69 -5.93 -6.12 5.60
CA CYS A 69 -5.97 -7.19 4.61
C CYS A 69 -7.13 -8.10 4.82
N ASP A 70 -7.19 -9.11 3.95
CA ASP A 70 -8.17 -10.15 4.09
C ASP A 70 -7.41 -11.39 3.70
N VAL A 71 -6.47 -11.82 4.57
CA VAL A 71 -5.66 -12.98 4.21
C VAL A 71 -5.74 -14.13 5.20
N ALA A 72 -5.32 -15.30 4.73
CA ALA A 72 -5.28 -16.51 5.56
C ALA A 72 -4.28 -16.36 6.70
N ALA A 73 -4.46 -17.12 7.78
CA ALA A 73 -3.54 -17.06 8.91
C ALA A 73 -2.09 -17.36 8.52
N GLN A 74 -1.92 -18.33 7.64
CA GLN A 74 -0.58 -18.69 7.18
C GLN A 74 0.09 -17.52 6.47
N LYS A 75 -0.68 -16.83 5.63
CA LYS A 75 -0.17 -15.66 4.92
C LYS A 75 0.15 -14.50 5.87
N GLN A 76 -0.74 -14.30 6.83
N GLN A 76 -0.66 -14.35 6.92
CA GLN A 76 -0.51 -13.26 7.81
CA GLN A 76 -0.37 -13.34 7.94
C GLN A 76 0.83 -13.45 8.50
C GLN A 76 1.00 -13.63 8.57
N LYS A 77 1.16 -14.68 8.82
N LYS A 77 1.26 -14.88 8.89
CA LYS A 77 2.43 -14.97 9.48
CA LYS A 77 2.55 -15.22 9.50
C LYS A 77 3.61 -14.58 8.57
C LYS A 77 3.69 -14.76 8.60
N ARG A 78 3.52 -14.95 7.29
CA ARG A 78 4.54 -14.57 6.31
C ARG A 78 4.72 -13.07 6.20
N LEU A 79 3.62 -12.34 6.16
CA LEU A 79 3.70 -10.88 6.04
C LEU A 79 4.32 -10.25 7.28
N ALA A 80 3.90 -10.71 8.46
CA ALA A 80 4.48 -10.25 9.71
C ALA A 80 5.98 -10.54 9.75
N LYS A 81 6.36 -11.71 9.25
CA LYS A 81 7.78 -12.09 9.21
C LYS A 81 8.61 -11.21 8.24
N GLU A 82 8.02 -10.70 7.14
CA GLU A 82 8.74 -9.79 6.25
C GLU A 82 9.13 -8.53 7.08
N LEU A 83 8.15 -8.02 7.81
CA LEU A 83 8.34 -6.83 8.62
C LEU A 83 9.38 -7.00 9.71
N THR A 84 9.33 -8.11 10.43
CA THR A 84 10.31 -8.34 11.49
C THR A 84 11.71 -8.68 10.96
N THR A 85 11.76 -9.37 9.83
CA THR A 85 13.03 -9.77 9.21
C THR A 85 13.78 -8.49 8.77
N LEU A 86 13.04 -7.55 8.19
CA LEU A 86 13.62 -6.29 7.75
C LEU A 86 13.97 -5.33 8.91
N GLY A 87 13.34 -5.55 10.05
CA GLY A 87 13.52 -4.68 11.20
C GLY A 87 12.60 -3.45 11.14
N LEU A 88 11.64 -3.43 10.20
CA LEU A 88 10.67 -2.33 10.13
C LEU A 88 9.80 -2.39 11.41
N ILE A 89 9.49 -3.62 11.81
CA ILE A 89 8.79 -3.89 13.09
C ILE A 89 9.73 -4.68 13.96
N GLU A 90 9.92 -4.22 15.21
CA GLU A 90 10.70 -4.94 16.19
C GLU A 90 9.74 -5.34 17.34
N VAL A 91 9.64 -6.64 17.62
CA VAL A 91 8.82 -7.15 18.74
C VAL A 91 9.74 -7.31 19.93
N ILE A 92 9.45 -6.58 21.00
CA ILE A 92 10.28 -6.59 22.19
C ILE A 92 9.54 -7.22 23.35
N GLY A 93 10.25 -8.06 24.09
CA GLY A 93 9.69 -8.73 25.24
C GLY A 93 8.89 -9.96 24.90
N ASN A 94 8.42 -10.62 25.95
CA ASN A 94 7.62 -11.83 25.84
C ASN A 94 6.42 -11.74 26.76
N LYS A 95 6.67 -11.48 28.05
CA LYS A 95 5.60 -11.32 29.04
C LYS A 95 4.85 -9.99 28.83
N ASN A 96 5.60 -8.90 28.64
CA ASN A 96 5.02 -7.57 28.40
C ASN A 96 5.40 -7.10 26.98
N ALA A 97 5.09 -7.95 26.00
CA ALA A 97 5.47 -7.70 24.61
C ALA A 97 4.87 -6.45 24.00
N TYR A 98 5.65 -5.79 23.16
CA TYR A 98 5.18 -4.62 22.46
C TYR A 98 5.89 -4.53 21.14
N LYS A 99 5.33 -3.70 20.26
CA LYS A 99 5.86 -3.55 18.91
C LYS A 99 6.41 -2.14 18.72
N VAL A 100 7.60 -2.06 18.15
CA VAL A 100 8.23 -0.78 17.82
C VAL A 100 8.27 -0.64 16.31
N VAL A 101 7.75 0.46 15.77
CA VAL A 101 7.81 0.70 14.35
C VAL A 101 9.02 1.55 14.05
N HIS A 102 9.92 1.03 13.22
CA HIS A 102 11.14 1.73 12.86
C HIS A 102 11.01 2.35 11.46
N SER A 103 11.72 3.45 11.23
CA SER A 103 11.68 4.11 9.92
C SER A 103 12.52 3.30 8.93
N VAL A 104 12.24 3.48 7.64
CA VAL A 104 13.03 2.84 6.59
C VAL A 104 14.46 3.38 6.63
N GLU A 105 14.57 4.69 6.87
N GLU A 105 14.63 4.69 6.89
CA GLU A 105 15.83 5.41 7.09
CA GLU A 105 15.96 5.28 6.97
C GLU A 105 16.76 4.69 8.06
C GLU A 105 16.82 4.59 8.03
N SER A 106 16.19 4.16 9.14
CA SER A 106 16.93 3.52 10.21
C SER A 106 17.50 2.11 9.89
N ILE A 107 17.02 1.45 8.83
CA ILE A 107 17.52 0.10 8.48
C ILE A 107 18.32 0.04 7.19
N ILE A 108 18.58 1.20 6.58
CA ILE A 108 19.30 1.22 5.29
C ILE A 108 20.75 0.78 5.36
N GLU A 109 21.36 0.82 6.55
CA GLU A 109 22.72 0.34 6.71
C GLU A 109 22.73 -1.17 6.58
N THR A 110 21.59 -1.81 6.84
CA THR A 110 21.46 -3.24 6.74
C THR A 110 20.74 -3.72 5.49
N TRP A 111 19.68 -3.01 5.08
CA TRP A 111 18.84 -3.41 3.94
C TRP A 111 18.83 -2.37 2.82
N GLU A 112 19.11 -2.82 1.60
CA GLU A 112 19.08 -1.98 0.41
C GLU A 112 17.78 -2.29 -0.34
N PHE A 113 16.88 -1.34 -0.40
CA PHE A 113 15.65 -1.55 -1.10
C PHE A 113 15.86 -1.34 -2.59
N THR A 114 15.29 -2.25 -3.39
N THR A 114 15.27 -2.23 -3.39
CA THR A 114 15.39 -2.15 -4.84
CA THR A 114 15.41 -2.18 -4.82
C THR A 114 14.12 -2.62 -5.50
C THR A 114 14.16 -2.68 -5.51
N ASN A 115 14.09 -2.42 -6.81
CA ASN A 115 13.00 -2.88 -7.63
C ASN A 115 13.68 -3.58 -8.80
N SER A 116 13.81 -4.89 -8.68
CA SER A 116 14.49 -5.71 -9.68
C SER A 116 13.80 -5.73 -11.05
N LYS A 117 12.57 -5.21 -11.14
CA LYS A 117 11.83 -5.22 -12.40
C LYS A 117 12.04 -3.96 -13.25
N LEU A 118 12.64 -2.93 -12.67
CA LEU A 118 12.91 -1.70 -13.42
C LEU A 118 14.25 -1.83 -14.13
N ASN A 119 14.22 -1.59 -15.45
CA ASN A 119 15.38 -1.69 -16.31
C ASN A 119 16.31 -0.48 -16.16
N SER B 5 9.11 13.99 -3.06
CA SER B 5 8.24 13.49 -1.94
C SER B 5 8.95 12.41 -1.11
N LYS B 6 8.70 12.43 0.19
CA LYS B 6 9.24 11.43 1.11
C LYS B 6 8.23 10.30 1.33
N PHE B 7 6.97 10.56 0.98
CA PHE B 7 5.90 9.58 1.13
C PHE B 7 4.68 9.85 0.23
N TYR B 8 4.01 8.76 -0.11
CA TYR B 8 2.77 8.77 -0.89
C TYR B 8 1.62 8.79 0.13
N GLN B 9 0.46 9.31 -0.23
CA GLN B 9 -0.69 9.31 0.70
C GLN B 9 -1.76 8.35 0.26
N ILE B 10 -2.35 7.62 1.20
CA ILE B 10 -3.51 6.79 0.85
C ILE B 10 -4.69 7.15 1.74
N ASN B 11 -5.85 7.38 1.13
CA ASN B 11 -7.04 7.72 1.84
C ASN B 11 -7.34 6.66 2.88
N THR B 12 -7.71 7.13 4.06
CA THR B 12 -8.03 6.29 5.21
C THR B 12 -9.09 5.24 4.87
N THR B 13 -10.17 5.67 4.24
CA THR B 13 -11.23 4.74 3.85
C THR B 13 -10.75 3.65 2.90
N LEU B 14 -9.93 4.00 1.95
CA LEU B 14 -9.42 3.03 1.03
C LEU B 14 -8.54 2.00 1.73
N LEU B 15 -7.64 2.47 2.59
CA LEU B 15 -6.75 1.55 3.27
C LEU B 15 -7.52 0.60 4.17
N GLU B 16 -8.53 1.10 4.86
CA GLU B 16 -9.31 0.29 5.80
C GLU B 16 -10.49 -0.48 5.23
N SER B 17 -10.66 -0.50 3.91
CA SER B 17 -11.80 -1.19 3.29
C SER B 17 -11.33 -2.37 2.42
N ASN B 18 -12.12 -3.43 2.35
CA ASN B 18 -11.76 -4.56 1.49
C ASN B 18 -12.66 -4.70 0.26
N GLU B 19 -13.71 -3.90 0.17
CA GLU B 19 -14.59 -3.91 -1.00
C GLU B 19 -15.32 -2.57 -1.15
N ALA B 20 -15.73 -2.30 -2.39
CA ALA B 20 -16.58 -1.15 -2.69
C ALA B 20 -17.81 -1.73 -3.34
N VAL B 21 -18.99 -1.24 -2.96
CA VAL B 21 -20.24 -1.79 -3.47
C VAL B 21 -21.01 -0.67 -4.15
N ASN B 22 -21.43 -0.90 -5.39
CA ASN B 22 -22.16 0.10 -6.15
C ASN B 22 -23.55 0.24 -5.58
N LYS B 23 -23.87 1.44 -5.14
CA LYS B 23 -25.14 1.70 -4.49
C LYS B 23 -26.35 1.52 -5.38
N GLN B 24 -26.19 1.64 -6.68
CA GLN B 24 -27.32 1.52 -7.59
C GLN B 24 -27.45 0.13 -8.24
N THR B 25 -26.33 -0.51 -8.53
CA THR B 25 -26.33 -1.79 -9.23
C THR B 25 -26.03 -3.03 -8.39
N GLY B 26 -25.41 -2.83 -7.23
CA GLY B 26 -25.04 -3.94 -6.36
C GLY B 26 -23.69 -4.56 -6.71
N GLU B 27 -23.04 -4.07 -7.77
CA GLU B 27 -21.78 -4.63 -8.17
C GLU B 27 -20.77 -4.43 -7.04
N VAL B 28 -19.93 -5.44 -6.83
CA VAL B 28 -18.89 -5.40 -5.85
C VAL B 28 -17.52 -5.44 -6.51
N VAL B 29 -16.65 -4.57 -6.04
CA VAL B 29 -15.26 -4.53 -6.51
C VAL B 29 -14.39 -4.80 -5.29
N PRO B 30 -13.79 -6.02 -5.19
CA PRO B 30 -12.91 -6.26 -4.04
C PRO B 30 -11.69 -5.37 -4.24
N LEU B 31 -11.19 -4.83 -3.14
CA LEU B 31 -10.07 -3.88 -3.21
C LEU B 31 -8.78 -4.59 -2.91
N SER B 32 -8.11 -5.03 -3.96
CA SER B 32 -6.84 -5.74 -3.83
C SER B 32 -5.77 -4.81 -3.24
N PRO B 33 -4.79 -5.36 -2.53
CA PRO B 33 -3.73 -4.48 -2.02
C PRO B 33 -3.02 -3.74 -3.12
N GLU B 34 -2.77 -4.43 -4.23
CA GLU B 34 -2.10 -3.81 -5.35
C GLU B 34 -2.87 -2.63 -5.89
N THR B 35 -4.19 -2.73 -5.88
CA THR B 35 -5.07 -1.63 -6.34
C THR B 35 -4.87 -0.38 -5.50
N LYS B 36 -4.77 -0.57 -4.20
CA LYS B 36 -4.59 0.57 -3.33
C LYS B 36 -3.23 1.26 -3.56
N LEU B 37 -2.20 0.46 -3.74
CA LEU B 37 -0.87 0.98 -3.96
C LEU B 37 -0.77 1.70 -5.30
N VAL B 38 -1.34 1.10 -6.33
CA VAL B 38 -1.37 1.68 -7.69
C VAL B 38 -2.11 3.02 -7.65
N TYR B 39 -3.22 3.08 -6.92
CA TYR B 39 -3.96 4.31 -6.81
C TYR B 39 -3.16 5.42 -6.13
N ALA B 40 -2.51 5.12 -4.98
CA ALA B 40 -1.71 6.09 -4.26
C ALA B 40 -0.61 6.62 -5.18
N TYR B 41 0.06 5.71 -5.87
CA TYR B 41 1.13 6.07 -6.80
C TYR B 41 0.61 7.00 -7.91
N LEU B 43 -2.10 8.79 -8.01
CA LEU B 43 -2.59 10.07 -7.47
C LEU B 43 -1.43 11.05 -7.31
N ASN B 44 -0.32 10.59 -6.76
CA ASN B 44 0.84 11.43 -6.63
C ASN B 44 1.45 11.79 -7.99
N GLN B 45 1.54 10.82 -8.88
CA GLN B 45 2.11 11.07 -10.20
C GLN B 45 1.25 12.08 -10.96
N TYR B 46 -0.06 11.89 -10.92
CA TYR B 46 -0.98 12.81 -11.55
C TYR B 46 -0.71 14.22 -11.03
N ARG B 47 -0.57 14.35 -9.71
N ARG B 47 -0.57 14.34 -9.72
CA ARG B 47 -0.33 15.64 -9.09
CA ARG B 47 -0.33 15.63 -9.08
C ARG B 47 1.00 16.26 -9.55
C ARG B 47 0.99 16.25 -9.56
N TYR B 49 2.65 15.53 -12.40
CA TYR B 49 2.53 15.92 -13.82
C TYR B 49 1.89 17.31 -13.91
N ARG B 50 0.82 17.51 -13.15
CA ARG B 50 0.06 18.78 -13.19
C ARG B 50 0.91 19.90 -12.58
N LYS B 51 1.67 19.57 -11.55
CA LYS B 51 2.55 20.57 -10.89
C LYS B 51 3.65 21.08 -11.82
N TYR B 52 4.18 20.17 -12.64
CA TYR B 52 5.22 20.50 -13.62
C TYR B 52 4.68 21.08 -14.92
N GLY B 53 3.39 21.44 -14.94
CA GLY B 53 2.84 22.14 -16.10
C GLY B 53 2.10 21.37 -17.16
N ASN B 54 1.84 20.10 -16.91
CA ASN B 54 1.15 19.30 -17.88
C ASN B 54 -0.30 19.13 -17.60
N ARG B 55 -1.09 19.21 -18.65
CA ARG B 55 -2.49 18.95 -18.51
C ARG B 55 -2.77 17.50 -18.33
N ARG B 56 -2.01 16.68 -19.03
CA ARG B 56 -2.30 15.26 -19.07
C ARG B 56 -1.27 14.39 -18.42
N TYR B 57 -1.74 13.37 -17.69
CA TYR B 57 -0.89 12.38 -17.07
C TYR B 57 -0.83 11.21 -18.05
N THR B 58 0.34 10.99 -18.64
CA THR B 58 0.48 10.02 -19.71
C THR B 58 1.33 8.80 -19.42
N GLU B 59 1.64 8.52 -18.15
CA GLU B 59 2.44 7.33 -17.81
C GLU B 59 1.68 6.06 -18.24
N SER B 60 2.38 5.10 -18.85
CA SER B 60 1.71 3.89 -19.31
C SER B 60 1.36 2.97 -18.17
N TRP B 61 0.33 2.16 -18.38
CA TRP B 61 -0.04 1.17 -17.39
C TRP B 61 1.12 0.23 -17.12
N ASP B 62 1.89 -0.08 -18.13
CA ASP B 62 3.02 -1.01 -17.94
C ASP B 62 4.08 -0.41 -17.04
N LYS B 63 4.38 0.87 -17.22
CA LYS B 63 5.35 1.53 -16.36
C LYS B 63 4.79 1.62 -14.93
N ILE B 64 3.52 2.00 -14.82
CA ILE B 64 2.86 2.09 -13.52
C ILE B 64 2.94 0.79 -12.75
N PHE B 65 2.56 -0.31 -13.41
CA PHE B 65 2.58 -1.61 -12.76
C PHE B 65 4.00 -2.09 -12.46
N THR B 66 4.97 -1.73 -13.29
CA THR B 66 6.33 -2.11 -13.04
C THR B 66 6.89 -1.46 -11.75
N VAL B 67 6.53 -0.20 -11.51
CA VAL B 67 7.01 0.49 -10.33
C VAL B 67 6.34 -0.01 -9.06
N CYS B 68 5.02 -0.27 -9.14
CA CYS B 68 4.20 -0.60 -7.95
C CYS B 68 4.04 -2.04 -7.56
N CYS B 69 4.14 -2.94 -8.50
CA CYS B 69 3.98 -4.32 -8.13
C CYS B 69 4.71 -5.22 -9.08
N ASP B 70 4.57 -6.53 -8.86
CA ASP B 70 5.19 -7.51 -9.71
C ASP B 70 4.10 -8.54 -9.96
N VAL B 71 3.23 -8.26 -10.93
CA VAL B 71 2.11 -9.14 -11.26
C VAL B 71 2.08 -9.42 -12.75
N ALA B 72 1.40 -10.51 -13.13
CA ALA B 72 1.30 -10.91 -14.53
C ALA B 72 0.33 -10.03 -15.32
N ALA B 73 0.45 -10.08 -16.64
CA ALA B 73 -0.38 -9.26 -17.54
C ALA B 73 -1.88 -9.33 -17.26
N GLN B 74 -2.42 -10.53 -17.12
CA GLN B 74 -3.84 -10.69 -16.85
C GLN B 74 -4.25 -10.00 -15.56
N LYS B 75 -3.43 -10.10 -14.51
CA LYS B 75 -3.75 -9.42 -13.24
C LYS B 75 -3.72 -7.91 -13.41
N GLN B 76 -2.69 -7.39 -14.07
N GLN B 76 -2.67 -7.42 -14.07
CA GLN B 76 -2.62 -5.96 -14.34
CA GLN B 76 -2.56 -6.02 -14.37
C GLN B 76 -3.91 -5.51 -15.03
C GLN B 76 -3.84 -5.49 -15.06
N LYS B 77 -4.36 -6.25 -16.04
CA LYS B 77 -5.60 -5.88 -16.74
C LYS B 77 -6.77 -5.80 -15.75
N ARG B 78 -6.87 -6.79 -14.86
N ARG B 78 -6.87 -6.79 -14.86
CA ARG B 78 -7.96 -6.82 -13.89
CA ARG B 78 -7.97 -6.81 -13.89
C ARG B 78 -7.83 -5.70 -12.85
C ARG B 78 -7.84 -5.70 -12.85
N LEU B 79 -6.62 -5.42 -12.41
CA LEU B 79 -6.40 -4.36 -11.41
C LEU B 79 -6.77 -3.02 -12.04
N ALA B 80 -6.31 -2.76 -13.26
CA ALA B 80 -6.69 -1.55 -13.94
C ALA B 80 -8.22 -1.46 -14.06
N LYS B 81 -8.87 -2.59 -14.30
CA LYS B 81 -10.32 -2.60 -14.40
C LYS B 81 -10.98 -2.28 -13.05
N GLU B 82 -10.43 -2.74 -11.93
CA GLU B 82 -10.99 -2.39 -10.62
C GLU B 82 -11.05 -0.83 -10.56
N LEU B 83 -9.94 -0.20 -10.92
CA LEU B 83 -9.82 1.25 -10.84
C LEU B 83 -10.74 2.04 -11.77
N THR B 84 -10.87 1.59 -13.02
CA THR B 84 -11.76 2.26 -13.94
C THR B 84 -13.24 2.03 -13.62
N THR B 85 -13.59 0.83 -13.13
CA THR B 85 -14.96 0.53 -12.75
C THR B 85 -15.40 1.48 -11.64
N LEU B 86 -14.54 1.66 -10.66
CA LEU B 86 -14.82 2.54 -9.53
C LEU B 86 -14.90 3.99 -9.92
N GLY B 87 -14.26 4.32 -11.04
CA GLY B 87 -14.19 5.71 -11.47
C GLY B 87 -13.02 6.46 -10.82
N LEU B 88 -12.16 5.75 -10.10
CA LEU B 88 -10.99 6.38 -9.48
C LEU B 88 -10.02 6.81 -10.56
N ILE B 89 -10.01 6.07 -11.67
CA ILE B 89 -9.19 6.38 -12.85
C ILE B 89 -10.08 6.40 -14.09
N GLU B 90 -9.90 7.43 -14.90
CA GLU B 90 -10.62 7.58 -16.13
C GLU B 90 -9.58 7.57 -17.23
N VAL B 91 -9.67 6.65 -18.18
CA VAL B 91 -8.68 6.52 -19.23
C VAL B 91 -9.18 7.07 -20.56
N ILE B 92 -8.37 7.93 -21.17
CA ILE B 92 -8.73 8.58 -22.44
C ILE B 92 -7.70 8.34 -23.53
N GLY B 93 -8.15 7.72 -24.63
CA GLY B 93 -7.28 7.42 -25.78
C GLY B 93 -6.85 5.97 -25.83
N ASN B 94 -6.18 5.59 -26.92
CA ASN B 94 -5.71 4.21 -27.12
C ASN B 94 -4.24 4.07 -26.68
N LYS B 95 -3.29 4.27 -27.60
CA LYS B 95 -1.88 4.23 -27.22
C LYS B 95 -1.49 5.65 -26.87
N ASN B 96 -0.62 5.77 -25.86
CA ASN B 96 -0.22 7.07 -25.33
C ASN B 96 -1.41 7.65 -24.53
N ALA B 97 -2.32 6.77 -24.12
CA ALA B 97 -3.52 7.13 -23.37
C ALA B 97 -3.24 7.90 -22.10
N TYR B 98 -3.97 9.00 -21.89
CA TYR B 98 -3.82 9.77 -20.64
C TYR B 98 -4.85 9.31 -19.62
N LYS B 99 -4.52 9.51 -18.35
CA LYS B 99 -5.30 9.00 -17.26
C LYS B 99 -5.62 10.11 -16.30
N VAL B 100 -6.90 10.25 -15.98
CA VAL B 100 -7.34 11.27 -15.03
C VAL B 100 -7.57 10.55 -13.73
N VAL B 101 -6.98 11.06 -12.63
CA VAL B 101 -7.10 10.42 -11.33
C VAL B 101 -8.05 11.24 -10.52
N HIS B 102 -9.13 10.59 -10.07
CA HIS B 102 -10.14 11.24 -9.27
C HIS B 102 -10.01 10.84 -7.82
N SER B 103 -10.54 11.70 -6.95
CA SER B 103 -10.53 11.47 -5.52
C SER B 103 -11.52 10.39 -5.10
N VAL B 104 -11.25 9.80 -3.93
CA VAL B 104 -12.19 8.83 -3.37
C VAL B 104 -13.49 9.54 -3.05
N GLU B 105 -13.38 10.77 -2.56
CA GLU B 105 -14.56 11.54 -2.21
C GLU B 105 -15.47 11.75 -3.42
N SER B 106 -14.89 11.90 -4.61
CA SER B 106 -15.71 12.13 -5.81
C SER B 106 -16.57 10.92 -6.21
N ILE B 107 -16.30 9.75 -5.68
CA ILE B 107 -17.08 8.56 -6.08
C ILE B 107 -18.00 8.00 -5.02
N ILE B 108 -17.92 8.48 -3.78
CA ILE B 108 -18.73 7.90 -2.69
C ILE B 108 -20.24 8.01 -2.85
N GLU B 109 -20.73 8.86 -3.75
CA GLU B 109 -22.18 8.94 -4.00
C GLU B 109 -22.61 7.71 -4.82
N THR B 110 -21.64 7.06 -5.46
CA THR B 110 -21.91 5.88 -6.27
C THR B 110 -21.44 4.59 -5.62
N TRP B 111 -20.30 4.67 -4.92
CA TRP B 111 -19.69 3.47 -4.33
C TRP B 111 -19.53 3.55 -2.82
N GLU B 112 -19.96 2.52 -2.11
CA GLU B 112 -19.82 2.49 -0.66
C GLU B 112 -18.67 1.61 -0.28
N PHE B 113 -17.72 2.15 0.48
CA PHE B 113 -16.57 1.38 0.92
C PHE B 113 -16.83 0.72 2.26
N THR B 114 -16.47 -0.56 2.37
CA THR B 114 -16.67 -1.27 3.61
C THR B 114 -15.57 -2.29 3.88
N ASN B 115 -15.54 -2.72 5.13
CA ASN B 115 -14.69 -3.79 5.58
C ASN B 115 -15.63 -4.70 6.38
N SER B 116 -16.18 -5.70 5.70
CA SER B 116 -17.09 -6.67 6.32
C SER B 116 -16.51 -7.26 7.60
N LYS B 117 -15.24 -7.63 7.56
CA LYS B 117 -14.52 -8.19 8.70
C LYS B 117 -14.51 -7.21 9.89
N LEU B 118 -14.12 -5.96 9.59
CA LEU B 118 -13.99 -4.90 10.61
C LEU B 118 -15.35 -4.32 11.01
#